data_4X7Q
#
_entry.id   4X7Q
#
_cell.length_a   142.265
_cell.length_b   142.265
_cell.length_c   61.750
_cell.angle_alpha   90.000
_cell.angle_beta   90.000
_cell.angle_gamma   120.000
#
_symmetry.space_group_name_H-M   'H 3'
#
loop_
_entity.id
_entity.type
_entity.pdbx_description
1 polymer 'Serine/threonine-protein kinase pim-2'
2 non-polymer 2-(2,6-difluorophenyl)-N-{4-[(3S)-pyrrolidin-3-yloxy]pyridin-3-yl}-1,3-thiazole-4-carboxamide
3 non-polymer 'PHOSPHATE ION'
4 water water
#
_entity_poly.entity_id   1
_entity_poly.type   'polypeptide(L)'
_entity_poly.pdbx_seq_one_letter_code
;SMLTKPLQGPPAPPGTPTPPPGGKDREAFEAEYRLGPLLGKGGFGTVFAGHRLTDRLQVAIKVIPRNRVLGWSPLSDSVT
CPLEVALLWKVGAGGGHPGVIRLLDWFETQEGFMLVLERPLPAQDLFDYITEKGPLGEGPSRCFFGQVVAAIQHCHSRGV
VHRDIKDENILIDLRRGCAKLIDFGSGALLHDEPYTDFDGTRVYSPPEWISRHQYHALPATVWSLGILLYDMVCGDIPFE
RDQEILEAELHFPAHVSPDCCALIRRCLAPKPSSRPSLEEILLDPWMQTPAEDVPLNPSKGGPAPLAWSLLP
;
_entity_poly.pdbx_strand_id   B,A
#
# COMPACT_ATOMS: atom_id res chain seq x y z
N ALA A 28 -7.55 36.03 -3.42
CA ALA A 28 -6.60 35.92 -4.58
C ALA A 28 -6.94 34.77 -5.53
N PHE A 29 -7.23 33.58 -5.00
CA PHE A 29 -7.54 32.48 -5.88
C PHE A 29 -8.71 32.89 -6.74
N GLU A 30 -9.80 33.26 -6.07
CA GLU A 30 -11.05 33.65 -6.72
C GLU A 30 -10.90 34.91 -7.57
N ALA A 31 -9.77 35.61 -7.43
CA ALA A 31 -9.44 36.69 -8.35
C ALA A 31 -8.85 36.18 -9.65
N GLU A 32 -7.88 35.25 -9.62
CA GLU A 32 -7.21 34.80 -10.88
C GLU A 32 -7.82 33.62 -11.66
N TYR A 33 -8.83 32.94 -11.11
CA TYR A 33 -9.27 31.66 -11.63
C TYR A 33 -10.74 31.51 -11.35
N ARG A 34 -11.46 30.92 -12.30
CA ARG A 34 -12.87 30.60 -12.14
C ARG A 34 -13.02 29.09 -12.23
N LEU A 35 -13.61 28.51 -11.19
CA LEU A 35 -13.87 27.10 -11.13
C LEU A 35 -15.06 26.83 -12.01
N GLY A 36 -14.92 25.78 -12.83
CA GLY A 36 -16.01 25.28 -13.62
C GLY A 36 -16.42 23.92 -13.10
N PRO A 37 -16.91 23.07 -13.99
CA PRO A 37 -17.49 21.82 -13.52
C PRO A 37 -16.50 20.85 -12.84
N LEU A 38 -17.03 20.15 -11.86
CA LEU A 38 -16.39 19.04 -11.23
C LEU A 38 -16.03 17.95 -12.26
N LEU A 39 -14.76 17.57 -12.31
CA LEU A 39 -14.29 16.51 -13.22
C LEU A 39 -14.06 15.17 -12.50
N GLY A 40 -13.79 15.22 -11.19
CA GLY A 40 -13.69 14.01 -10.40
C GLY A 40 -13.38 14.36 -8.97
N LYS A 41 -13.87 13.54 -8.03
CA LYS A 41 -13.79 13.81 -6.58
C LYS A 41 -13.11 12.71 -5.77
N GLY A 43 -10.58 10.78 -3.59
CA GLY A 43 -9.33 10.17 -3.11
C GLY A 43 -8.19 11.17 -3.18
N PHE A 44 -7.86 11.56 -4.41
CA PHE A 44 -6.97 12.69 -4.70
C PHE A 44 -7.36 13.97 -3.95
N GLY A 45 -8.64 14.11 -3.67
CA GLY A 45 -9.23 15.37 -3.33
C GLY A 45 -10.27 15.59 -4.41
N THR A 46 -10.05 16.61 -5.24
CA THR A 46 -11.11 17.01 -6.15
C THR A 46 -10.60 17.88 -7.25
N VAL A 47 -10.96 17.55 -8.47
CA VAL A 47 -10.47 18.25 -9.64
C VAL A 47 -11.60 18.90 -10.44
N PHE A 48 -11.35 20.14 -10.87
CA PHE A 48 -12.37 20.90 -11.54
C PHE A 48 -11.81 21.31 -12.87
N ALA A 49 -12.70 21.53 -13.84
CA ALA A 49 -12.30 22.32 -14.97
C ALA A 49 -12.33 23.79 -14.52
N GLY A 50 -11.44 24.58 -15.03
CA GLY A 50 -11.58 26.01 -14.81
C GLY A 50 -10.95 26.83 -15.90
N HIS A 51 -10.90 28.13 -15.65
CA HIS A 51 -10.20 29.05 -16.53
C HIS A 51 -9.37 29.99 -15.70
N ARG A 52 -8.23 30.38 -16.23
CA ARG A 52 -7.51 31.48 -15.63
C ARG A 52 -8.18 32.77 -16.12
N LEU A 53 -8.65 33.60 -15.19
CA LEU A 53 -9.42 34.78 -15.51
C LEU A 53 -8.83 35.70 -16.57
N THR A 54 -7.58 36.08 -16.44
CA THR A 54 -7.04 37.15 -17.29
C THR A 54 -7.17 36.85 -18.78
N ASP A 55 -6.74 35.66 -19.16
CA ASP A 55 -6.67 35.28 -20.57
C ASP A 55 -7.58 34.08 -20.92
N ARG A 56 -8.42 33.65 -19.98
CA ARG A 56 -9.22 32.44 -20.13
C ARG A 56 -8.49 31.19 -20.62
N LEU A 57 -7.23 31.06 -20.29
CA LEU A 57 -6.60 29.75 -20.42
C LEU A 57 -7.39 28.73 -19.61
N GLN A 58 -7.67 27.61 -20.27
CA GLN A 58 -8.28 26.44 -19.66
C GLN A 58 -7.27 25.74 -18.79
N VAL A 59 -7.72 25.38 -17.62
CA VAL A 59 -6.91 24.73 -16.63
C VAL A 59 -7.77 23.73 -15.88
N ALA A 60 -7.11 22.98 -15.04
CA ALA A 60 -7.80 22.12 -14.10
C ALA A 60 -7.30 22.59 -12.75
N ILE A 61 -8.15 22.53 -11.77
CA ILE A 61 -7.87 23.05 -10.48
C ILE A 61 -8.13 21.91 -9.56
N LYS A 62 -7.11 21.52 -8.81
CA LYS A 62 -7.24 20.35 -7.95
C LYS A 62 -7.23 20.84 -6.53
N VAL A 63 -8.27 20.52 -5.81
CA VAL A 63 -8.41 20.95 -4.44
C VAL A 63 -7.96 19.82 -3.56
N ILE A 64 -7.13 20.14 -2.57
CA ILE A 64 -6.73 19.20 -1.51
C ILE A 64 -7.00 19.83 -0.11
N PRO A 65 -7.49 19.03 0.86
CA PRO A 65 -7.55 19.42 2.28
C PRO A 65 -6.49 18.74 3.19
N ARG A 66 -5.87 19.51 4.09
CA ARG A 66 -4.99 18.94 5.12
C ARG A 66 -3.76 18.23 4.54
N CYS A 81 3.17 22.71 2.99
CA CYS A 81 2.95 22.56 1.55
C CYS A 81 2.92 21.09 1.09
N PRO A 82 1.93 20.69 0.29
CA PRO A 82 1.86 19.26 0.10
C PRO A 82 2.93 18.79 -0.87
N LEU A 83 3.29 17.52 -0.75
CA LEU A 83 4.39 16.91 -1.51
C LEU A 83 4.15 17.05 -3.02
N GLU A 84 2.89 16.94 -3.41
CA GLU A 84 2.52 16.97 -4.80
C GLU A 84 3.03 18.22 -5.51
N VAL A 85 3.00 19.35 -4.83
CA VAL A 85 3.45 20.58 -5.46
C VAL A 85 4.94 20.46 -5.75
N ALA A 86 5.67 19.87 -4.82
CA ALA A 86 7.12 19.75 -4.94
C ALA A 86 7.47 18.77 -6.03
N LEU A 87 6.77 17.65 -6.03
CA LEU A 87 7.02 16.65 -7.05
C LEU A 87 6.68 17.21 -8.41
N LEU A 88 5.55 17.90 -8.51
CA LEU A 88 5.19 18.49 -9.80
C LEU A 88 6.26 19.51 -10.21
N TRP A 89 6.71 20.32 -9.26
CA TRP A 89 7.76 21.31 -9.53
C TRP A 89 8.97 20.62 -10.14
N LYS A 90 9.51 19.62 -9.43
CA LYS A 90 10.74 18.95 -9.87
C LYS A 90 10.65 18.40 -11.27
N VAL A 91 9.49 17.88 -11.61
CA VAL A 91 9.29 17.19 -12.89
C VAL A 91 8.88 18.18 -13.97
N GLY A 92 8.35 19.33 -13.58
CA GLY A 92 8.00 20.38 -14.55
C GLY A 92 9.21 21.25 -14.90
N ALA A 93 9.74 21.94 -13.90
CA ALA A 93 11.00 22.72 -14.03
C ALA A 93 11.67 22.59 -15.38
N GLY A 94 11.73 23.73 -16.07
CA GLY A 94 12.42 23.85 -17.34
C GLY A 94 11.86 22.98 -18.42
N GLY A 95 10.55 23.10 -18.66
CA GLY A 95 9.85 22.26 -19.65
C GLY A 95 8.69 21.52 -18.98
N GLY A 96 8.94 20.44 -18.25
CA GLY A 96 10.14 19.61 -18.40
C GLY A 96 9.78 18.52 -19.40
N HIS A 97 8.50 18.09 -19.38
CA HIS A 97 8.08 16.94 -20.19
C HIS A 97 6.66 16.92 -20.73
N PRO A 98 6.52 16.51 -22.00
CA PRO A 98 5.20 16.54 -22.59
C PRO A 98 4.33 15.38 -22.13
N GLY A 99 4.91 14.31 -21.63
CA GLY A 99 4.16 13.27 -20.94
C GLY A 99 3.77 13.56 -19.50
N VAL A 100 3.88 14.80 -19.04
CA VAL A 100 3.48 15.09 -17.67
C VAL A 100 2.66 16.36 -17.60
N ILE A 101 1.48 16.30 -17.01
CA ILE A 101 0.65 17.49 -16.89
C ILE A 101 1.49 18.48 -16.06
N ARG A 102 1.61 19.70 -16.54
CA ARG A 102 2.35 20.76 -15.88
C ARG A 102 1.52 21.38 -14.75
N LEU A 103 2.20 21.74 -13.65
CA LEU A 103 1.63 22.57 -12.59
C LEU A 103 1.83 24.02 -13.05
N LEU A 104 0.82 24.86 -12.91
CA LEU A 104 1.01 26.27 -13.29
C LEU A 104 0.95 27.23 -12.10
N ASP A 105 0.34 26.84 -10.99
CA ASP A 105 0.11 27.76 -9.88
C ASP A 105 -0.44 26.98 -8.69
N TRP A 106 -0.22 27.47 -7.46
CA TRP A 106 -0.90 26.89 -6.29
C TRP A 106 -1.23 27.90 -5.18
N PHE A 107 -2.22 27.57 -4.35
CA PHE A 107 -2.78 28.50 -3.35
C PHE A 107 -3.18 27.76 -2.07
N GLU A 108 -3.18 28.49 -0.96
CA GLU A 108 -3.37 27.88 0.37
C GLU A 108 -4.82 27.68 0.82
N THR A 109 -5.53 28.77 1.09
CA THR A 109 -6.86 28.68 1.76
C THR A 109 -7.01 27.48 2.71
N PHE A 113 -5.72 23.82 0.13
CA PHE A 113 -4.71 23.80 -0.95
C PHE A 113 -5.30 23.60 -2.32
N MET A 114 -4.86 24.41 -3.28
CA MET A 114 -5.38 24.34 -4.61
C MET A 114 -4.31 24.44 -5.66
N LEU A 115 -4.23 23.42 -6.52
CA LEU A 115 -3.24 23.35 -7.60
C LEU A 115 -3.88 23.65 -8.94
N VAL A 116 -3.19 24.45 -9.72
CA VAL A 116 -3.69 24.85 -11.03
C VAL A 116 -2.86 24.08 -12.01
N LEU A 117 -3.52 23.23 -12.76
CA LEU A 117 -2.83 22.33 -13.67
C LEU A 117 -3.12 22.65 -15.12
N GLU A 118 -2.24 22.30 -16.04
CA GLU A 118 -2.70 22.42 -17.41
C GLU A 118 -3.91 21.52 -17.67
N ARG A 119 -4.72 21.95 -18.63
CA ARG A 119 -5.81 21.13 -19.11
C ARG A 119 -5.81 21.09 -20.63
N PRO A 120 -5.38 19.98 -21.20
CA PRO A 120 -5.45 19.93 -22.65
C PRO A 120 -6.89 19.91 -23.08
N LEU A 121 -7.14 20.46 -24.24
CA LEU A 121 -8.46 20.63 -24.74
C LEU A 121 -8.40 20.10 -26.17
N PRO A 122 -9.04 18.98 -26.47
CA PRO A 122 -9.90 18.24 -25.56
C PRO A 122 -9.16 17.03 -24.99
N ALA A 123 -9.58 16.56 -23.83
CA ALA A 123 -8.84 15.52 -23.13
C ALA A 123 -9.78 14.55 -22.45
N GLN A 124 -9.26 13.35 -22.25
CA GLN A 124 -10.05 12.32 -21.61
C GLN A 124 -9.07 11.42 -20.94
N ASP A 125 -9.33 11.00 -19.72
CA ASP A 125 -8.49 9.97 -19.21
C ASP A 125 -8.72 8.65 -19.92
N LEU A 126 -7.73 7.78 -19.75
CA LEU A 126 -7.66 6.56 -20.42
C LEU A 126 -8.71 5.57 -19.91
N PHE A 127 -9.04 5.64 -18.63
CA PHE A 127 -10.07 4.76 -18.09
C PHE A 127 -11.40 4.98 -18.83
N ASP A 128 -11.80 6.26 -18.92
CA ASP A 128 -13.05 6.64 -19.62
C ASP A 128 -12.98 6.35 -21.09
N TYR A 129 -11.83 6.59 -21.71
CA TYR A 129 -11.64 6.22 -23.07
C TYR A 129 -11.98 4.72 -23.26
N ILE A 130 -11.32 3.89 -22.47
CA ILE A 130 -11.50 2.45 -22.58
C ILE A 130 -12.95 2.08 -22.28
N THR A 131 -13.55 2.71 -21.32
CA THR A 131 -14.97 2.46 -21.04
C THR A 131 -15.82 2.69 -22.25
N GLU A 132 -15.55 3.75 -23.00
CA GLU A 132 -16.39 4.13 -24.08
C GLU A 132 -16.05 3.38 -25.34
N LYS A 133 -14.78 3.04 -25.52
CA LYS A 133 -14.28 2.58 -26.80
C LYS A 133 -13.69 1.20 -26.80
N GLY A 134 -13.50 0.61 -25.63
CA GLY A 134 -12.94 -0.71 -25.55
C GLY A 134 -11.44 -0.65 -25.52
N PRO A 135 -10.78 -1.82 -25.53
CA PRO A 135 -9.33 -1.82 -25.49
C PRO A 135 -8.76 -1.05 -26.67
N LEU A 136 -7.61 -0.44 -26.46
CA LEU A 136 -6.95 0.31 -27.50
C LEU A 136 -6.49 -0.55 -28.64
N GLY A 137 -6.15 -1.80 -28.48
CA GLY A 137 -5.61 -2.42 -29.72
C GLY A 137 -4.11 -2.07 -29.85
N GLU A 138 -3.36 -2.99 -30.42
CA GLU A 138 -1.94 -3.03 -30.09
C GLU A 138 -1.14 -1.88 -30.72
N GLY A 139 -1.51 -1.45 -31.92
CA GLY A 139 -0.88 -0.30 -32.53
C GLY A 139 -0.90 0.98 -31.72
N PRO A 140 -2.07 1.45 -31.33
CA PRO A 140 -2.06 2.64 -30.44
C PRO A 140 -1.61 2.46 -28.98
N SER A 141 -1.77 1.27 -28.42
CA SER A 141 -1.20 0.95 -27.12
C SER A 141 0.30 1.11 -27.11
N ARG A 142 0.95 0.57 -28.12
CA ARG A 142 2.41 0.65 -28.23
C ARG A 142 2.86 2.11 -28.13
N CYS A 143 2.25 2.95 -28.92
CA CYS A 143 2.52 4.38 -28.89
C CYS A 143 2.23 5.01 -27.54
N PHE A 144 1.04 4.78 -26.99
CA PHE A 144 0.72 5.34 -25.67
C PHE A 144 1.53 4.71 -24.57
N PHE A 145 1.78 3.41 -24.66
CA PHE A 145 2.54 2.76 -23.64
C PHE A 145 3.93 3.34 -23.64
N GLY A 146 4.50 3.42 -24.83
CA GLY A 146 5.77 4.14 -25.06
C GLY A 146 5.81 5.49 -24.41
N GLN A 147 4.81 6.33 -24.66
CA GLN A 147 4.82 7.65 -24.06
C GLN A 147 4.82 7.57 -22.55
N VAL A 148 4.04 6.67 -21.96
CA VAL A 148 3.96 6.61 -20.50
C VAL A 148 5.30 6.23 -19.95
N VAL A 149 5.91 5.23 -20.55
CA VAL A 149 7.21 4.81 -20.09
C VAL A 149 8.20 5.96 -20.11
N ALA A 150 8.23 6.76 -21.17
CA ALA A 150 9.17 7.88 -21.24
C ALA A 150 8.85 8.94 -20.19
N ALA A 151 7.57 9.19 -19.94
CA ALA A 151 7.19 10.12 -18.88
C ALA A 151 7.72 9.61 -17.52
N ILE A 152 7.63 8.32 -17.32
CA ILE A 152 8.10 7.70 -16.06
C ILE A 152 9.63 7.79 -15.97
N GLN A 153 10.30 7.36 -17.01
CA GLN A 153 11.75 7.61 -17.09
C GLN A 153 12.09 9.05 -16.80
N HIS A 154 11.37 9.98 -17.41
CA HIS A 154 11.62 11.40 -17.15
C HIS A 154 11.54 11.67 -15.67
N CYS A 155 10.40 11.33 -15.06
CA CYS A 155 10.20 11.49 -13.62
C CYS A 155 11.30 10.90 -12.77
N HIS A 156 11.72 9.69 -13.09
CA HIS A 156 12.77 9.05 -12.35
C HIS A 156 14.05 9.90 -12.47
N SER A 157 14.32 10.45 -13.66
CA SER A 157 15.46 11.41 -13.87
C SER A 157 15.44 12.65 -12.97
N ARG A 158 14.25 13.07 -12.57
CA ARG A 158 14.13 14.16 -11.62
C ARG A 158 14.07 13.64 -10.19
N GLY A 159 14.37 12.35 -9.99
CA GLY A 159 14.18 11.67 -8.71
C GLY A 159 12.75 11.64 -8.17
N VAL A 160 11.77 11.44 -9.04
CA VAL A 160 10.36 11.31 -8.63
C VAL A 160 9.79 9.99 -9.09
N VAL A 161 9.14 9.28 -8.16
CA VAL A 161 8.34 8.09 -8.45
C VAL A 161 6.89 8.46 -8.28
N HIS A 162 6.10 8.19 -9.29
CA HIS A 162 4.72 8.55 -9.32
C HIS A 162 3.93 7.68 -8.31
N ARG A 163 4.13 6.35 -8.38
CA ARG A 163 3.54 5.33 -7.47
C ARG A 163 2.07 5.05 -7.57
N ASP A 164 1.44 5.62 -8.55
CA ASP A 164 0.05 5.42 -8.77
C ASP A 164 -0.23 5.42 -10.27
N ILE A 165 0.64 4.76 -11.03
CA ILE A 165 0.42 4.60 -12.43
C ILE A 165 -0.86 3.77 -12.59
N LYS A 166 -1.82 4.28 -13.36
CA LYS A 166 -3.00 3.50 -13.70
C LYS A 166 -3.75 4.26 -14.72
N ASP A 167 -4.72 3.62 -15.34
CA ASP A 167 -5.38 4.28 -16.45
C ASP A 167 -6.24 5.49 -16.10
N GLU A 168 -6.72 5.56 -14.89
CA GLU A 168 -7.37 6.79 -14.40
C GLU A 168 -6.41 7.98 -14.35
N ASN A 169 -5.11 7.69 -14.32
CA ASN A 169 -4.08 8.70 -14.16
C ASN A 169 -3.25 8.97 -15.37
N ILE A 170 -3.75 8.54 -16.52
CA ILE A 170 -3.15 8.85 -17.77
C ILE A 170 -4.20 9.71 -18.49
N LEU A 171 -3.83 10.92 -18.86
CA LEU A 171 -4.73 11.76 -19.57
C LEU A 171 -4.38 11.67 -21.02
N ILE A 172 -5.36 11.42 -21.89
CA ILE A 172 -5.13 11.41 -23.32
C ILE A 172 -5.52 12.78 -23.88
N ASP A 173 -4.54 13.52 -24.41
CA ASP A 173 -4.77 14.82 -25.05
C ASP A 173 -5.10 14.47 -26.48
N LEU A 174 -6.39 14.58 -26.83
CA LEU A 174 -6.95 13.95 -28.04
C LEU A 174 -6.71 14.77 -29.29
N ARG A 175 -6.25 16.00 -29.15
CA ARG A 175 -5.82 16.81 -30.30
C ARG A 175 -4.46 16.31 -30.77
N ARG A 176 -3.47 16.30 -29.86
CA ARG A 176 -2.09 15.93 -30.19
C ARG A 176 -1.78 14.42 -30.20
N GLY A 177 -2.71 13.56 -29.79
CA GLY A 177 -2.49 12.10 -29.74
C GLY A 177 -1.51 11.65 -28.66
N CYS A 178 -1.68 12.16 -27.46
CA CYS A 178 -0.60 12.16 -26.52
C CYS A 178 -1.04 11.84 -25.09
N ALA A 179 -0.33 10.89 -24.46
CA ALA A 179 -0.58 10.50 -23.07
C ALA A 179 0.15 11.42 -22.13
N LYS A 180 -0.52 11.79 -21.05
CA LYS A 180 0.12 12.59 -20.03
C LYS A 180 -0.18 12.01 -18.67
N LEU A 181 0.84 11.88 -17.82
CA LEU A 181 0.68 11.51 -16.43
C LEU A 181 0.04 12.59 -15.55
N ILE A 182 -0.93 12.21 -14.74
CA ILE A 182 -1.55 13.12 -13.79
C ILE A 182 -1.55 12.48 -12.44
N ASP A 183 -1.85 13.30 -11.46
CA ASP A 183 -2.05 12.91 -10.05
C ASP A 183 -0.82 12.44 -9.30
N PHE A 184 0.04 13.38 -8.91
CA PHE A 184 1.21 13.05 -8.16
C PHE A 184 0.98 13.05 -6.67
N GLY A 185 -0.28 13.11 -6.30
CA GLY A 185 -0.65 13.12 -4.89
C GLY A 185 -0.15 11.98 -4.02
N SER A 186 0.28 10.88 -4.60
CA SER A 186 0.76 9.78 -3.82
C SER A 186 2.18 9.31 -4.21
N GLY A 187 2.93 10.18 -4.88
CA GLY A 187 4.28 9.92 -5.29
C GLY A 187 5.24 10.19 -4.15
N ALA A 188 6.50 10.01 -4.46
CA ALA A 188 7.55 10.22 -3.52
C ALA A 188 8.83 10.56 -4.30
N LEU A 189 9.85 10.97 -3.56
CA LEU A 189 11.18 11.14 -4.11
C LEU A 189 11.75 9.75 -4.32
N LEU A 190 12.55 9.58 -5.36
CA LEU A 190 13.00 8.27 -5.77
C LEU A 190 14.24 7.87 -5.00
N HIS A 191 14.23 6.68 -4.43
CA HIS A 191 15.44 6.05 -3.88
C HIS A 191 15.50 4.52 -4.10
N ASP A 192 16.74 4.04 -4.07
CA ASP A 192 17.09 2.61 -3.99
C ASP A 192 16.41 1.89 -2.83
N GLU A 193 16.35 2.56 -1.69
CA GLU A 193 15.76 2.03 -0.47
C GLU A 193 14.27 1.73 -0.69
N PRO A 194 13.77 0.65 -0.11
CA PRO A 194 12.36 0.29 -0.15
C PRO A 194 11.41 1.21 0.64
N TYR A 195 10.14 1.17 0.26
CA TYR A 195 9.11 1.94 0.94
C TYR A 195 8.04 1.10 1.66
N THR A 196 7.35 1.83 2.52
CA THR A 196 6.08 1.48 3.19
C THR A 196 5.25 2.73 3.50
N ASP A 197 5.77 3.88 3.08
CA ASP A 197 5.04 5.13 2.86
C ASP A 197 3.77 5.00 1.94
N PHE A 198 3.59 3.83 1.34
CA PHE A 198 2.74 3.66 0.15
C PHE A 198 1.24 3.68 0.46
N ASP A 199 0.51 4.47 -0.33
CA ASP A 199 -0.96 4.43 -0.36
C ASP A 199 -1.47 4.47 -1.80
N GLY A 200 -1.20 3.42 -2.55
CA GLY A 200 -1.55 3.45 -3.97
C GLY A 200 -2.95 2.92 -4.20
N THR A 201 -3.16 2.51 -5.44
CA THR A 201 -4.33 1.75 -5.82
C THR A 201 -3.94 0.29 -5.69
N ARG A 202 -4.71 -0.43 -4.89
CA ARG A 202 -4.46 -1.82 -4.63
C ARG A 202 -4.30 -2.69 -5.86
N VAL A 203 -5.22 -2.55 -6.82
CA VAL A 203 -5.21 -3.45 -7.97
C VAL A 203 -3.99 -3.23 -8.87
N TYR A 204 -3.25 -2.13 -8.67
CA TYR A 204 -2.02 -1.88 -9.38
C TYR A 204 -0.76 -2.11 -8.55
N SER A 205 -0.95 -2.61 -7.35
CA SER A 205 0.10 -2.89 -6.43
C SER A 205 0.56 -4.33 -6.65
N PRO A 206 1.87 -4.54 -6.54
CA PRO A 206 2.49 -5.82 -6.80
C PRO A 206 2.34 -6.75 -5.63
N PRO A 207 2.54 -8.06 -5.84
CA PRO A 207 2.32 -9.07 -4.87
C PRO A 207 3.12 -8.86 -3.59
N GLU A 208 4.37 -8.37 -3.72
CA GLU A 208 5.25 -8.23 -2.57
C GLU A 208 4.81 -7.06 -1.72
N TRP A 209 3.97 -6.18 -2.24
CA TRP A 209 3.37 -5.17 -1.39
C TRP A 209 2.21 -5.81 -0.67
N ILE A 210 1.43 -6.60 -1.38
CA ILE A 210 0.22 -7.20 -0.81
C ILE A 210 0.69 -8.20 0.19
N SER A 211 1.71 -8.96 -0.15
CA SER A 211 2.10 -10.06 0.70
C SER A 211 3.04 -9.57 1.86
N ARG A 212 3.94 -8.65 1.57
CA ARG A 212 5.03 -8.34 2.49
C ARG A 212 5.14 -6.89 2.89
N HIS A 213 4.20 -6.07 2.44
CA HIS A 213 4.32 -4.66 2.67
C HIS A 213 5.69 -4.14 2.13
N GLN A 214 6.15 -4.73 1.04
CA GLN A 214 7.43 -4.36 0.45
C GLN A 214 7.14 -3.55 -0.79
N TYR A 215 7.66 -2.34 -0.83
CA TYR A 215 7.50 -1.43 -1.97
C TYR A 215 8.90 -1.01 -2.46
N HIS A 216 9.34 -1.60 -3.55
CA HIS A 216 10.55 -1.22 -4.25
C HIS A 216 10.16 -0.40 -5.47
N ALA A 217 10.64 0.84 -5.51
CA ALA A 217 10.07 1.83 -6.43
C ALA A 217 10.05 1.34 -7.86
N LEU A 218 11.21 0.89 -8.36
CA LEU A 218 11.28 0.53 -9.77
C LEU A 218 10.52 -0.74 -10.09
N PRO A 219 10.74 -1.84 -9.31
CA PRO A 219 10.00 -3.04 -9.64
C PRO A 219 8.47 -2.86 -9.50
N ALA A 220 8.05 -2.03 -8.54
CA ALA A 220 6.63 -1.80 -8.31
C ALA A 220 6.03 -0.91 -9.40
N THR A 221 6.83 0.03 -9.91
CA THR A 221 6.45 0.82 -11.08
C THR A 221 6.24 -0.05 -12.32
N VAL A 222 7.18 -0.93 -12.56
CA VAL A 222 7.10 -1.80 -13.67
C VAL A 222 5.92 -2.78 -13.56
N TRP A 223 5.68 -3.32 -12.38
CA TRP A 223 4.53 -4.13 -12.14
C TRP A 223 3.30 -3.33 -12.60
N SER A 224 3.18 -2.10 -12.14
CA SER A 224 2.00 -1.31 -12.43
C SER A 224 1.88 -1.01 -13.92
N LEU A 225 3.01 -0.85 -14.59
CA LEU A 225 3.03 -0.72 -16.07
C LEU A 225 2.48 -1.97 -16.77
N GLY A 226 2.68 -3.12 -16.15
CA GLY A 226 2.20 -4.35 -16.71
C GLY A 226 0.71 -4.46 -16.54
N ILE A 227 0.24 -3.98 -15.42
CA ILE A 227 -1.18 -3.91 -15.19
C ILE A 227 -1.81 -2.97 -16.23
N LEU A 228 -1.14 -1.84 -16.45
CA LEU A 228 -1.69 -0.81 -17.30
C LEU A 228 -1.71 -1.35 -18.71
N LEU A 229 -0.60 -1.95 -19.14
CA LEU A 229 -0.57 -2.44 -20.46
C LEU A 229 -1.64 -3.52 -20.65
N TYR A 230 -1.79 -4.41 -19.69
CA TYR A 230 -2.84 -5.42 -19.84
C TYR A 230 -4.20 -4.72 -19.94
N ASP A 231 -4.41 -3.73 -19.08
CA ASP A 231 -5.59 -2.91 -19.12
C ASP A 231 -5.86 -2.40 -20.53
N MET A 232 -4.83 -1.79 -21.12
CA MET A 232 -4.98 -1.09 -22.39
C MET A 232 -5.34 -2.04 -23.55
N VAL A 233 -4.67 -3.18 -23.64
CA VAL A 233 -4.92 -4.09 -24.68
C VAL A 233 -6.05 -5.04 -24.44
N CYS A 234 -6.49 -5.22 -23.18
CA CYS A 234 -7.61 -6.20 -22.87
C CYS A 234 -8.89 -5.56 -22.47
N GLY A 235 -8.81 -4.34 -21.97
CA GLY A 235 -9.97 -3.58 -21.58
C GLY A 235 -10.32 -3.74 -20.13
N ASP A 236 -9.60 -4.56 -19.38
CA ASP A 236 -9.79 -4.64 -17.94
C ASP A 236 -8.48 -4.93 -17.25
N ILE A 237 -8.43 -4.65 -15.97
CA ILE A 237 -7.31 -5.12 -15.16
C ILE A 237 -7.25 -6.64 -15.02
N PRO A 238 -6.05 -7.19 -14.86
CA PRO A 238 -5.93 -8.65 -14.76
C PRO A 238 -6.38 -9.26 -13.44
N PHE A 239 -6.27 -8.49 -12.36
CA PHE A 239 -6.44 -9.04 -11.02
C PHE A 239 -7.35 -8.10 -10.29
N GLU A 240 -8.49 -8.57 -9.82
CA GLU A 240 -9.39 -7.71 -9.07
C GLU A 240 -9.21 -7.80 -7.55
N ARG A 241 -8.84 -8.97 -7.04
CA ARG A 241 -8.77 -9.29 -5.60
C ARG A 241 -7.34 -9.54 -5.20
N ASP A 242 -7.03 -9.44 -3.91
CA ASP A 242 -5.68 -9.66 -3.36
C ASP A 242 -5.16 -11.02 -3.74
N GLN A 243 -6.02 -12.01 -3.61
CA GLN A 243 -5.66 -13.39 -3.91
C GLN A 243 -5.20 -13.52 -5.36
N GLU A 244 -5.86 -12.77 -6.26
CA GLU A 244 -5.49 -12.89 -7.68
C GLU A 244 -4.12 -12.23 -7.91
N ILE A 245 -3.90 -11.09 -7.28
CA ILE A 245 -2.59 -10.44 -7.36
C ILE A 245 -1.50 -11.35 -6.87
N LEU A 246 -1.72 -11.94 -5.71
CA LEU A 246 -0.72 -12.80 -5.07
C LEU A 246 -0.41 -14.03 -5.91
N GLU A 247 -1.41 -14.62 -6.56
CA GLU A 247 -1.13 -15.76 -7.42
C GLU A 247 -0.52 -15.26 -8.76
N ALA A 248 -0.95 -14.10 -9.22
CA ALA A 248 -0.36 -13.50 -10.39
C ALA A 248 -0.50 -14.38 -11.65
N GLU A 249 -1.60 -15.12 -11.76
CA GLU A 249 -1.74 -16.05 -12.90
C GLU A 249 -2.41 -15.29 -14.05
N LEU A 250 -1.83 -15.39 -15.23
CA LEU A 250 -2.31 -14.61 -16.36
C LEU A 250 -3.04 -15.48 -17.36
N HIS A 251 -4.24 -15.11 -17.73
CA HIS A 251 -4.97 -15.80 -18.81
C HIS A 251 -5.29 -14.79 -19.82
N PHE A 252 -4.59 -14.81 -20.93
CA PHE A 252 -4.77 -13.79 -21.90
C PHE A 252 -5.97 -14.04 -22.81
N PRO A 253 -6.72 -13.00 -23.11
CA PRO A 253 -7.69 -13.19 -24.18
C PRO A 253 -6.96 -13.59 -25.45
N ALA A 254 -7.67 -14.26 -26.33
CA ALA A 254 -7.07 -14.83 -27.55
C ALA A 254 -6.54 -13.77 -28.51
N HIS A 255 -7.17 -12.58 -28.48
CA HIS A 255 -6.71 -11.51 -29.35
C HIS A 255 -5.37 -10.87 -29.00
N VAL A 256 -4.82 -11.12 -27.80
CA VAL A 256 -3.56 -10.47 -27.45
C VAL A 256 -2.44 -11.22 -28.14
N SER A 257 -1.64 -10.50 -28.88
CA SER A 257 -0.48 -11.09 -29.53
C SER A 257 0.46 -11.71 -28.51
N PRO A 258 1.18 -12.77 -28.92
CA PRO A 258 2.19 -13.34 -28.04
C PRO A 258 3.34 -12.40 -27.68
N ASP A 259 3.70 -11.50 -28.56
CA ASP A 259 4.68 -10.46 -28.23
C ASP A 259 4.14 -9.61 -27.07
N CYS A 260 2.89 -9.23 -27.15
CA CYS A 260 2.36 -8.40 -26.11
C CYS A 260 2.26 -9.17 -24.80
N CYS A 261 1.79 -10.42 -24.89
CA CYS A 261 1.81 -11.36 -23.76
C CYS A 261 3.14 -11.46 -23.08
N ALA A 262 4.21 -11.62 -23.86
CA ALA A 262 5.50 -11.95 -23.26
C ALA A 262 6.00 -10.79 -22.46
N LEU A 263 5.85 -9.59 -22.99
CA LEU A 263 6.21 -8.36 -22.27
C LEU A 263 5.41 -8.15 -20.98
N ILE A 264 4.10 -8.33 -21.06
CA ILE A 264 3.23 -8.23 -19.88
C ILE A 264 3.60 -9.28 -18.85
N ARG A 265 3.81 -10.52 -19.27
CA ARG A 265 4.28 -11.53 -18.31
C ARG A 265 5.59 -11.12 -17.66
N ARG A 266 6.53 -10.57 -18.41
CA ARG A 266 7.77 -10.05 -17.87
C ARG A 266 7.52 -8.99 -16.79
N CYS A 267 6.70 -7.98 -17.11
CA CYS A 267 6.43 -6.92 -16.14
C CYS A 267 5.70 -7.45 -14.91
N LEU A 268 4.90 -8.48 -15.08
CA LEU A 268 4.12 -9.02 -13.99
C LEU A 268 4.74 -10.28 -13.39
N ALA A 269 6.05 -10.40 -13.51
CA ALA A 269 6.70 -11.49 -12.82
C ALA A 269 6.43 -11.29 -11.33
N PRO A 270 6.12 -12.38 -10.62
CA PRO A 270 5.87 -12.38 -9.20
C PRO A 270 7.05 -11.90 -8.35
N LYS A 271 8.23 -12.39 -8.69
CA LYS A 271 9.44 -11.98 -7.99
C LYS A 271 9.88 -10.63 -8.56
N PRO A 272 10.05 -9.63 -7.72
CA PRO A 272 10.31 -8.30 -8.24
C PRO A 272 11.64 -8.15 -9.02
N SER A 273 12.67 -8.93 -8.71
CA SER A 273 13.95 -8.82 -9.41
C SER A 273 13.91 -9.53 -10.77
N SER A 274 12.90 -10.36 -11.01
CA SER A 274 12.73 -10.93 -12.34
C SER A 274 12.20 -9.88 -13.31
N ARG A 275 11.74 -8.73 -12.80
CA ARG A 275 11.02 -7.78 -13.66
C ARG A 275 11.94 -6.93 -14.49
N PRO A 276 11.52 -6.58 -15.69
CA PRO A 276 12.47 -5.76 -16.42
C PRO A 276 12.64 -4.38 -15.83
N SER A 277 13.73 -3.72 -16.16
CA SER A 277 13.85 -2.30 -15.93
C SER A 277 13.07 -1.58 -17.03
N LEU A 278 12.93 -0.27 -16.88
CA LEU A 278 12.31 0.57 -17.89
C LEU A 278 12.97 0.51 -19.26
N GLU A 279 14.30 0.38 -19.29
CA GLU A 279 15.03 0.32 -20.55
C GLU A 279 14.77 -0.97 -21.26
N GLU A 280 14.80 -2.07 -20.52
CA GLU A 280 14.45 -3.34 -21.11
C GLU A 280 13.07 -3.29 -21.77
N ILE A 281 12.13 -2.58 -21.14
CA ILE A 281 10.77 -2.53 -21.65
C ILE A 281 10.78 -1.78 -22.94
N LEU A 282 11.53 -0.68 -23.00
CA LEU A 282 11.54 0.11 -24.24
C LEU A 282 12.19 -0.64 -25.37
N LEU A 283 12.99 -1.63 -25.01
CA LEU A 283 13.71 -2.39 -26.01
C LEU A 283 13.03 -3.66 -26.32
N ASP A 284 11.90 -3.93 -25.68
CA ASP A 284 11.17 -5.13 -25.95
C ASP A 284 10.68 -5.19 -27.39
N PRO A 285 10.74 -6.37 -28.01
CA PRO A 285 10.33 -6.47 -29.40
C PRO A 285 8.89 -6.01 -29.68
N TRP A 286 7.98 -6.20 -28.72
CA TRP A 286 6.61 -5.70 -28.91
C TRP A 286 6.61 -4.20 -29.02
N MET A 287 7.51 -3.52 -28.30
CA MET A 287 7.66 -2.06 -28.36
C MET A 287 8.29 -1.51 -29.64
N GLN A 288 8.46 -2.32 -30.67
CA GLN A 288 8.91 -1.78 -31.96
C GLN A 288 7.96 -2.25 -33.08
N TYR B 33 -1.39 20.57 22.00
CA TYR B 33 -0.73 19.51 21.18
C TYR B 33 0.08 20.05 19.98
N ARG B 34 1.40 19.94 20.00
CA ARG B 34 2.23 20.29 18.83
C ARG B 34 2.45 19.07 17.92
N LEU B 35 2.01 19.15 16.67
CA LEU B 35 2.26 18.06 15.72
C LEU B 35 3.73 17.88 15.54
N GLY B 36 4.12 16.88 14.76
CA GLY B 36 5.52 16.69 14.45
C GLY B 36 5.72 15.89 13.20
N PRO B 37 6.84 15.16 13.14
CA PRO B 37 7.13 14.45 11.94
C PRO B 37 6.22 13.24 11.71
N LEU B 38 6.09 12.90 10.43
CA LEU B 38 5.21 11.83 9.99
C LEU B 38 5.83 10.51 10.42
N LEU B 39 5.02 9.67 11.04
CA LEU B 39 5.46 8.36 11.50
C LEU B 39 5.01 7.25 10.58
N GLY B 40 3.89 7.45 9.88
CA GLY B 40 3.25 6.37 9.15
C GLY B 40 2.14 6.92 8.29
N LYS B 41 2.03 6.41 7.06
CA LYS B 41 0.94 6.80 6.14
C LYS B 41 0.40 5.52 5.49
N GLY B 42 -0.91 5.35 5.49
CA GLY B 42 -1.50 4.24 4.75
C GLY B 42 -3.02 4.29 4.75
N GLY B 43 -3.64 3.14 4.54
CA GLY B 43 -5.10 3.00 4.59
C GLY B 43 -5.68 3.42 5.92
N PHE B 44 -4.89 3.20 6.99
CA PHE B 44 -5.29 3.62 8.34
C PHE B 44 -5.56 5.13 8.43
N GLY B 45 -5.00 5.88 7.50
CA GLY B 45 -5.00 7.33 7.58
C GLY B 45 -3.55 7.73 7.71
N THR B 46 -3.28 8.62 8.64
CA THR B 46 -1.93 9.09 8.85
C THR B 46 -1.64 9.12 10.33
N VAL B 47 -0.38 8.89 10.66
CA VAL B 47 0.08 9.04 12.04
C VAL B 47 1.31 9.95 12.15
N PHE B 48 1.25 10.85 13.12
CA PHE B 48 2.26 11.84 13.38
C PHE B 48 2.79 11.75 14.80
N ALA B 49 4.08 12.01 14.96
CA ALA B 49 4.64 12.25 16.28
C ALA B 49 4.25 13.65 16.71
N GLY B 50 4.03 13.84 18.01
CA GLY B 50 3.74 15.15 18.55
C GLY B 50 4.02 15.23 20.03
N HIS B 51 3.55 16.30 20.65
CA HIS B 51 3.68 16.51 22.10
C HIS B 51 2.41 17.11 22.67
N ARG B 52 2.04 16.66 23.86
CA ARG B 52 0.84 17.12 24.54
C ARG B 52 1.14 18.22 25.54
N LEU B 57 3.52 13.57 27.39
CA LEU B 57 4.34 14.58 26.70
C LEU B 57 4.60 14.19 25.23
N GLN B 58 5.27 13.06 24.97
CA GLN B 58 5.38 12.57 23.59
C GLN B 58 4.07 11.85 23.25
N VAL B 59 3.49 12.19 22.11
CA VAL B 59 2.26 11.51 21.68
C VAL B 59 2.25 11.20 20.19
N ALA B 60 1.40 10.25 19.82
CA ALA B 60 1.18 9.95 18.43
C ALA B 60 -0.19 10.47 18.11
N ILE B 61 -0.27 11.29 17.09
CA ILE B 61 -1.50 11.87 16.69
C ILE B 61 -1.90 11.20 15.39
N LYS B 62 -3.04 10.51 15.43
CA LYS B 62 -3.55 9.84 14.27
C LYS B 62 -4.69 10.62 13.63
N VAL B 63 -4.68 10.69 12.30
CA VAL B 63 -5.64 11.48 11.56
C VAL B 63 -6.45 10.56 10.64
N ILE B 64 -7.74 10.47 10.94
CA ILE B 64 -8.72 9.67 10.20
C ILE B 64 -9.57 10.65 9.38
N PRO B 65 -9.71 10.41 8.06
CA PRO B 65 -10.53 11.29 7.20
C PRO B 65 -12.07 11.10 7.29
N ARG B 66 -12.81 12.09 6.75
CA ARG B 66 -14.27 12.05 6.62
C ARG B 66 -14.75 10.62 6.31
N LEU B 83 -15.11 4.36 15.80
CA LEU B 83 -15.08 2.99 16.28
C LEU B 83 -13.82 2.70 17.07
N GLU B 84 -12.69 2.88 16.42
CA GLU B 84 -11.40 2.63 17.03
C GLU B 84 -11.34 3.25 18.40
N VAL B 85 -11.83 4.47 18.50
CA VAL B 85 -11.96 5.17 19.77
C VAL B 85 -12.67 4.32 20.82
N ALA B 86 -13.74 3.67 20.40
CA ALA B 86 -14.58 2.90 21.31
C ALA B 86 -13.86 1.65 21.78
N LEU B 87 -13.15 1.01 20.86
CA LEU B 87 -12.42 -0.20 21.20
C LEU B 87 -11.30 0.12 22.16
N LEU B 88 -10.59 1.22 21.89
CA LEU B 88 -9.50 1.67 22.75
C LEU B 88 -9.97 2.14 24.13
N TRP B 89 -11.26 2.43 24.31
CA TRP B 89 -11.80 2.64 25.66
C TRP B 89 -12.05 1.31 26.30
N LYS B 90 -12.86 0.46 25.66
CA LYS B 90 -13.09 -0.89 26.19
C LYS B 90 -11.78 -1.48 26.68
N VAL B 91 -10.76 -1.47 25.82
CA VAL B 91 -9.45 -2.02 26.17
C VAL B 91 -8.69 -1.19 27.20
N GLY B 92 -8.78 0.13 27.12
CA GLY B 92 -8.01 0.99 28.03
C GLY B 92 -8.83 1.51 29.21
N HIS B 97 -1.34 -6.35 28.50
CA HIS B 97 -2.51 -5.64 29.02
C HIS B 97 -2.33 -4.10 29.09
N PRO B 98 -1.08 -3.67 29.30
CA PRO B 98 -0.36 -2.57 28.67
C PRO B 98 0.48 -3.10 27.46
N GLY B 99 -0.08 -4.05 26.74
CA GLY B 99 0.47 -4.45 25.47
C GLY B 99 -0.41 -3.83 24.43
N VAL B 100 -1.17 -2.81 24.83
CA VAL B 100 -2.07 -2.11 23.93
C VAL B 100 -1.84 -0.61 24.07
N ILE B 101 -1.62 0.06 22.95
CA ILE B 101 -1.40 1.51 22.97
C ILE B 101 -2.62 2.19 23.59
N ARG B 102 -2.37 3.05 24.57
CA ARG B 102 -3.43 3.75 25.29
C ARG B 102 -3.93 5.01 24.55
N LEU B 103 -5.24 5.24 24.60
CA LEU B 103 -5.85 6.48 24.10
C LEU B 103 -5.80 7.57 25.15
N LEU B 104 -5.22 8.72 24.81
CA LEU B 104 -5.09 9.82 25.75
C LEU B 104 -6.15 10.88 25.53
N ASP B 105 -6.44 11.22 24.29
CA ASP B 105 -7.54 12.16 24.01
C ASP B 105 -8.02 11.97 22.58
N TRP B 106 -9.03 12.76 22.15
CA TRP B 106 -9.48 12.76 20.74
C TRP B 106 -10.43 13.93 20.36
N PHE B 107 -10.71 14.09 19.05
CA PHE B 107 -11.42 15.25 18.52
C PHE B 107 -12.16 14.90 17.23
N PHE B 113 -11.17 12.97 11.90
CA PHE B 113 -11.01 12.69 13.34
C PHE B 113 -9.53 12.62 13.70
N MET B 114 -9.20 13.12 14.88
CA MET B 114 -7.85 13.05 15.38
C MET B 114 -7.77 12.38 16.74
N LEU B 115 -7.19 11.18 16.75
CA LEU B 115 -6.93 10.39 17.96
C LEU B 115 -5.56 10.75 18.50
N VAL B 116 -5.43 10.80 19.82
CA VAL B 116 -4.17 11.14 20.48
C VAL B 116 -3.72 9.93 21.26
N LEU B 117 -2.63 9.29 20.82
CA LEU B 117 -2.21 8.04 21.41
C LEU B 117 -0.85 8.21 22.03
N GLU B 118 -0.52 7.35 22.98
CA GLU B 118 0.81 7.39 23.56
C GLU B 118 1.83 7.03 22.48
N ARG B 119 3.05 7.45 22.72
CA ARG B 119 4.13 7.28 21.81
C ARG B 119 5.30 7.02 22.73
N PRO B 120 5.62 5.74 22.92
CA PRO B 120 6.89 5.42 23.54
C PRO B 120 7.97 6.03 22.69
N LEU B 121 9.04 6.44 23.34
CA LEU B 121 10.14 7.05 22.65
C LEU B 121 11.40 6.43 23.21
N PRO B 122 12.27 5.86 22.37
CA PRO B 122 12.00 5.57 20.94
C PRO B 122 11.16 4.32 20.69
N ALA B 123 10.50 4.30 19.54
CA ALA B 123 9.63 3.21 19.18
C ALA B 123 9.68 2.96 17.68
N GLN B 124 9.35 1.74 17.30
CA GLN B 124 9.37 1.32 15.91
C GLN B 124 8.35 0.21 15.85
N ASP B 125 7.57 0.17 14.76
CA ASP B 125 6.74 -1.01 14.50
C ASP B 125 7.64 -2.18 14.16
N LEU B 126 7.08 -3.35 14.35
CA LEU B 126 7.84 -4.57 14.26
C LEU B 126 8.22 -4.88 12.84
N PHE B 127 7.37 -4.51 11.88
CA PHE B 127 7.77 -4.62 10.47
C PHE B 127 9.09 -3.87 10.25
N ASP B 128 9.17 -2.62 10.67
CA ASP B 128 10.38 -1.85 10.44
C ASP B 128 11.56 -2.38 11.23
N TYR B 129 11.30 -2.99 12.38
CA TYR B 129 12.35 -3.51 13.19
C TYR B 129 12.99 -4.66 12.46
N ILE B 130 12.14 -5.55 11.99
CA ILE B 130 12.55 -6.68 11.14
C ILE B 130 13.23 -6.24 9.86
N THR B 131 12.75 -5.18 9.24
CA THR B 131 13.44 -4.68 8.03
C THR B 131 14.82 -4.18 8.38
N GLU B 132 14.96 -3.55 9.54
CA GLU B 132 16.21 -2.91 9.95
C GLU B 132 17.27 -3.93 10.37
N LYS B 133 16.84 -4.95 11.13
CA LYS B 133 17.73 -5.88 11.81
C LYS B 133 17.73 -7.30 11.24
N GLY B 134 16.67 -7.75 10.59
CA GLY B 134 16.54 -9.14 10.13
C GLY B 134 15.71 -9.98 11.09
N PRO B 135 15.69 -11.32 10.92
CA PRO B 135 14.99 -12.10 11.95
C PRO B 135 15.39 -11.65 13.38
N LEU B 136 14.48 -11.73 14.34
CA LEU B 136 14.73 -11.26 15.70
C LEU B 136 15.58 -12.21 16.55
N GLY B 137 15.60 -13.50 16.24
CA GLY B 137 16.14 -14.46 17.20
C GLY B 137 15.05 -14.90 18.19
N GLU B 138 15.13 -16.16 18.61
CA GLU B 138 14.14 -16.71 19.48
C GLU B 138 14.09 -16.03 20.85
N GLY B 139 15.21 -15.56 21.38
CA GLY B 139 15.21 -14.82 22.62
C GLY B 139 14.25 -13.66 22.58
N PRO B 140 14.57 -12.65 21.80
CA PRO B 140 13.62 -11.52 21.70
C PRO B 140 12.24 -11.85 21.20
N SER B 141 12.10 -12.86 20.35
CA SER B 141 10.77 -13.20 19.82
C SER B 141 9.87 -13.76 20.89
N ARG B 142 10.41 -14.57 21.77
CA ARG B 142 9.73 -15.11 22.96
C ARG B 142 9.24 -13.93 23.80
N CYS B 143 10.14 -12.99 24.06
CA CYS B 143 9.74 -11.81 24.76
C CYS B 143 8.57 -11.09 24.07
N PHE B 144 8.73 -10.70 22.80
CA PHE B 144 7.71 -9.91 22.10
C PHE B 144 6.42 -10.68 21.85
N PHE B 145 6.54 -11.95 21.49
CA PHE B 145 5.39 -12.80 21.30
C PHE B 145 4.57 -12.98 22.58
N GLY B 146 5.25 -13.25 23.72
CA GLY B 146 4.61 -13.41 25.02
C GLY B 146 3.73 -12.21 25.33
N GLN B 147 4.25 -11.03 25.04
CA GLN B 147 3.54 -9.79 25.27
C GLN B 147 2.41 -9.57 24.33
N VAL B 148 2.56 -9.98 23.08
CA VAL B 148 1.50 -9.76 22.13
C VAL B 148 0.34 -10.72 22.47
N VAL B 149 0.67 -11.95 22.84
CA VAL B 149 -0.36 -12.90 23.20
C VAL B 149 -1.14 -12.43 24.44
N ALA B 150 -0.44 -11.93 25.45
CA ALA B 150 -1.11 -11.38 26.66
C ALA B 150 -1.99 -10.19 26.33
N ALA B 151 -1.61 -9.37 25.35
CA ALA B 151 -2.41 -8.25 24.97
C ALA B 151 -3.67 -8.71 24.26
N ILE B 152 -3.55 -9.72 23.42
CA ILE B 152 -4.72 -10.25 22.76
C ILE B 152 -5.67 -10.86 23.78
N GLN B 153 -5.11 -11.50 24.80
CA GLN B 153 -5.91 -12.10 25.87
C GLN B 153 -6.61 -11.02 26.66
N HIS B 154 -5.85 -9.99 27.06
CA HIS B 154 -6.40 -8.80 27.72
C HIS B 154 -7.53 -8.25 26.89
N CYS B 155 -7.27 -8.07 25.61
CA CYS B 155 -8.27 -7.50 24.74
C CYS B 155 -9.53 -8.32 24.78
N HIS B 156 -9.40 -9.61 24.51
CA HIS B 156 -10.53 -10.53 24.42
C HIS B 156 -11.28 -10.60 25.73
N SER B 157 -10.53 -10.48 26.83
CA SER B 157 -11.09 -10.38 28.18
C SER B 157 -11.80 -9.05 28.42
N ARG B 158 -11.90 -8.20 27.39
CA ARG B 158 -12.68 -6.99 27.43
C ARG B 158 -13.60 -6.95 26.22
N GLY B 159 -13.89 -8.10 25.62
CA GLY B 159 -14.86 -8.19 24.53
C GLY B 159 -14.43 -7.52 23.23
N VAL B 160 -13.13 -7.25 23.10
CA VAL B 160 -12.55 -6.64 21.91
C VAL B 160 -11.58 -7.56 21.19
N VAL B 161 -11.76 -7.63 19.87
CA VAL B 161 -11.00 -8.47 18.97
C VAL B 161 -10.33 -7.61 17.90
N HIS B 162 -9.02 -7.78 17.73
CA HIS B 162 -8.23 -6.93 16.83
C HIS B 162 -8.41 -7.25 15.34
N ARG B 163 -8.37 -8.52 14.95
CA ARG B 163 -8.56 -8.96 13.54
C ARG B 163 -7.50 -8.64 12.51
N ASP B 164 -6.49 -7.89 12.87
CA ASP B 164 -5.43 -7.54 11.90
C ASP B 164 -4.06 -7.54 12.59
N ILE B 165 -3.78 -8.67 13.23
CA ILE B 165 -2.54 -8.89 13.91
C ILE B 165 -1.54 -9.16 12.80
N LYS B 166 -0.51 -8.31 12.73
CA LYS B 166 0.60 -8.49 11.79
C LYS B 166 1.74 -7.62 12.26
N ASP B 167 2.90 -7.81 11.65
CA ASP B 167 4.10 -7.04 12.02
C ASP B 167 3.89 -5.52 12.06
N GLU B 168 3.21 -4.93 11.08
CA GLU B 168 3.04 -3.45 11.13
C GLU B 168 2.16 -2.96 12.26
N ASN B 169 1.33 -3.83 12.81
CA ASN B 169 0.44 -3.45 13.92
C ASN B 169 0.95 -3.84 15.31
N ILE B 170 2.23 -4.18 15.39
CA ILE B 170 2.86 -4.40 16.66
C ILE B 170 3.95 -3.37 16.79
N LEU B 171 3.79 -2.47 17.74
CA LEU B 171 4.75 -1.43 17.99
C LEU B 171 5.78 -1.91 19.01
N ILE B 172 7.06 -1.68 18.77
CA ILE B 172 8.08 -1.95 19.82
C ILE B 172 8.56 -0.69 20.49
N ASP B 173 8.43 -0.62 21.82
CA ASP B 173 9.14 0.43 22.59
C ASP B 173 10.54 -0.06 22.80
N LEU B 174 11.51 0.67 22.24
CA LEU B 174 12.88 0.18 22.16
C LEU B 174 13.68 0.50 23.42
N ARG B 175 13.21 1.47 24.20
CA ARG B 175 13.81 1.73 25.48
C ARG B 175 13.42 0.58 26.42
N ARG B 176 12.14 0.37 26.66
CA ARG B 176 11.72 -0.64 27.64
C ARG B 176 11.61 -2.05 27.07
N GLY B 177 11.68 -2.20 25.75
CA GLY B 177 11.66 -3.51 25.13
C GLY B 177 10.32 -4.22 25.17
N CYS B 178 9.20 -3.50 25.08
CA CYS B 178 7.91 -4.17 25.05
C CYS B 178 7.08 -3.95 23.76
N ALA B 179 6.12 -4.83 23.57
CA ALA B 179 5.39 -4.89 22.33
C ALA B 179 4.00 -4.44 22.62
N LYS B 180 3.49 -3.50 21.83
CA LYS B 180 2.15 -2.96 22.02
C LYS B 180 1.35 -3.19 20.76
N LEU B 181 0.11 -3.59 20.89
CA LEU B 181 -0.82 -3.60 19.79
C LEU B 181 -1.22 -2.19 19.41
N ILE B 182 -1.19 -1.93 18.11
CA ILE B 182 -1.69 -0.66 17.56
C ILE B 182 -2.73 -0.98 16.46
N ASP B 183 -3.48 0.04 16.09
CA ASP B 183 -4.46 0.00 14.99
C ASP B 183 -5.66 -0.90 15.17
N PHE B 184 -6.61 -0.39 15.93
CA PHE B 184 -7.85 -1.09 16.20
C PHE B 184 -8.96 -0.69 15.25
N GLY B 185 -8.65 0.14 14.26
CA GLY B 185 -9.61 0.53 13.26
C GLY B 185 -9.98 -0.55 12.26
N SER B 186 -9.71 -1.81 12.53
CA SER B 186 -10.35 -2.85 11.72
C SER B 186 -10.83 -4.07 12.54
N GLY B 187 -10.87 -3.91 13.87
CA GLY B 187 -11.33 -4.95 14.77
C GLY B 187 -12.76 -4.76 15.26
N ALA B 188 -13.41 -5.83 15.70
CA ALA B 188 -14.69 -5.79 16.41
C ALA B 188 -14.52 -6.20 17.89
N ASP B 199 -12.16 -8.92 6.38
CA ASP B 199 -11.46 -7.66 6.26
C ASP B 199 -9.97 -7.71 6.70
N GLY B 200 -9.37 -8.90 6.71
CA GLY B 200 -8.00 -9.03 7.22
C GLY B 200 -6.98 -8.80 6.15
N THR B 201 -5.71 -8.82 6.52
CA THR B 201 -4.63 -8.97 5.54
C THR B 201 -4.58 -10.42 5.15
N ARG B 202 -4.58 -10.67 3.84
CA ARG B 202 -4.84 -12.05 3.36
C ARG B 202 -3.77 -13.12 3.66
N VAL B 203 -2.49 -12.72 3.62
CA VAL B 203 -1.42 -13.68 3.98
C VAL B 203 -1.38 -14.01 5.49
N TYR B 204 -2.18 -13.31 6.26
CA TYR B 204 -2.32 -13.55 7.70
C TYR B 204 -3.61 -14.30 8.07
N SER B 205 -4.45 -14.61 7.10
CA SER B 205 -5.78 -15.14 7.36
C SER B 205 -5.80 -16.64 7.18
N PRO B 206 -6.63 -17.34 7.99
CA PRO B 206 -6.57 -18.80 8.04
C PRO B 206 -7.23 -19.48 6.86
N PRO B 207 -6.95 -20.77 6.63
CA PRO B 207 -7.44 -21.47 5.47
C PRO B 207 -8.96 -21.48 5.35
N GLU B 208 -9.66 -21.48 6.49
CA GLU B 208 -11.11 -21.49 6.50
C GLU B 208 -11.68 -20.16 5.97
N TRP B 209 -10.88 -19.08 6.04
CA TRP B 209 -11.26 -17.83 5.38
C TRP B 209 -10.99 -17.89 3.87
N ILE B 210 -9.73 -18.18 3.49
CA ILE B 210 -9.38 -18.40 2.08
C ILE B 210 -10.40 -19.31 1.35
N SER B 211 -10.72 -20.46 1.94
CA SER B 211 -11.49 -21.48 1.25
C SER B 211 -13.01 -21.26 1.32
N ARG B 212 -13.55 -20.82 2.47
CA ARG B 212 -15.01 -20.71 2.60
C ARG B 212 -15.49 -19.43 3.29
N HIS B 213 -14.65 -18.39 3.32
CA HIS B 213 -15.03 -17.12 3.94
C HIS B 213 -15.65 -17.36 5.32
N GLN B 214 -15.12 -18.32 6.04
CA GLN B 214 -15.53 -18.61 7.38
C GLN B 214 -14.53 -17.99 8.34
N TYR B 215 -15.04 -17.38 9.41
CA TYR B 215 -14.27 -16.63 10.36
C TYR B 215 -14.79 -16.73 11.79
N HIS B 216 -14.02 -17.37 12.65
CA HIS B 216 -14.22 -17.28 14.10
C HIS B 216 -12.96 -16.61 14.71
N ALA B 217 -13.19 -15.56 15.50
CA ALA B 217 -12.17 -14.62 15.89
C ALA B 217 -11.03 -15.26 16.64
N LEU B 218 -11.37 -16.18 17.54
CA LEU B 218 -10.38 -16.84 18.37
C LEU B 218 -9.44 -17.73 17.55
N PRO B 219 -9.96 -18.75 16.85
CA PRO B 219 -9.05 -19.48 15.98
C PRO B 219 -8.38 -18.65 14.87
N ALA B 220 -9.04 -17.59 14.40
CA ALA B 220 -8.44 -16.73 13.37
C ALA B 220 -7.26 -16.03 13.96
N THR B 221 -7.42 -15.53 15.17
CA THR B 221 -6.35 -14.81 15.80
C THR B 221 -5.13 -15.72 16.03
N VAL B 222 -5.39 -16.92 16.52
CA VAL B 222 -4.30 -17.83 16.80
C VAL B 222 -3.54 -18.13 15.53
N TRP B 223 -4.26 -18.31 14.44
CA TRP B 223 -3.62 -18.54 13.16
C TRP B 223 -2.69 -17.36 12.81
N SER B 224 -3.16 -16.14 12.93
CA SER B 224 -2.35 -15.00 12.53
C SER B 224 -1.17 -14.71 13.53
N LEU B 225 -1.33 -15.22 14.77
CA LEU B 225 -0.22 -15.28 15.71
C LEU B 225 0.82 -16.25 15.25
N GLY B 226 0.38 -17.37 14.71
CA GLY B 226 1.28 -18.34 14.06
C GLY B 226 2.10 -17.65 12.95
N ILE B 227 1.41 -16.87 12.11
CA ILE B 227 2.06 -16.19 10.97
C ILE B 227 3.06 -15.16 11.51
N LEU B 228 2.64 -14.40 12.49
CA LEU B 228 3.43 -13.39 13.07
C LEU B 228 4.71 -13.94 13.70
N LEU B 229 4.58 -15.05 14.42
CA LEU B 229 5.69 -15.65 15.14
C LEU B 229 6.68 -16.16 14.14
N TYR B 230 6.18 -16.84 13.13
CA TYR B 230 7.06 -17.24 12.01
C TYR B 230 7.75 -16.06 11.38
N ASP B 231 7.08 -14.91 11.30
CA ASP B 231 7.68 -13.74 10.68
C ASP B 231 8.81 -13.17 11.57
N MET B 232 8.56 -13.12 12.86
CA MET B 232 9.60 -12.64 13.77
C MET B 232 10.84 -13.52 13.68
N VAL B 233 10.67 -14.84 13.73
CA VAL B 233 11.86 -15.68 13.79
C VAL B 233 12.46 -15.98 12.46
N CYS B 234 11.69 -15.90 11.37
CA CYS B 234 12.31 -16.09 10.03
C CYS B 234 12.60 -14.83 9.26
N GLY B 235 12.09 -13.70 9.68
CA GLY B 235 12.26 -12.47 8.93
C GLY B 235 11.33 -12.34 7.72
N ASP B 236 10.39 -13.30 7.58
CA ASP B 236 9.54 -13.38 6.40
C ASP B 236 8.24 -14.17 6.68
N ILE B 237 7.24 -13.99 5.85
CA ILE B 237 5.96 -14.73 5.98
C ILE B 237 6.11 -16.12 5.40
N PRO B 238 5.32 -17.09 5.92
CA PRO B 238 5.44 -18.44 5.47
C PRO B 238 4.68 -18.73 4.20
N PHE B 239 3.58 -18.06 4.00
CA PHE B 239 2.71 -18.35 2.88
C PHE B 239 2.50 -17.08 2.08
N GLU B 240 2.66 -17.23 0.78
CA GLU B 240 2.64 -16.07 -0.07
C GLU B 240 1.42 -15.97 -0.96
N ARG B 241 0.68 -17.06 -1.09
CA ARG B 241 -0.55 -17.09 -1.87
C ARG B 241 -1.57 -18.09 -1.25
N ASP B 242 -2.76 -18.13 -1.83
CA ASP B 242 -3.86 -18.90 -1.29
C ASP B 242 -3.56 -20.38 -1.16
N GLN B 243 -3.08 -20.97 -2.26
CA GLN B 243 -2.74 -22.37 -2.36
C GLN B 243 -1.75 -22.76 -1.25
N GLU B 244 -0.82 -21.86 -0.91
CA GLU B 244 0.17 -22.16 0.13
C GLU B 244 -0.49 -22.19 1.48
N ILE B 245 -1.44 -21.26 1.69
CA ILE B 245 -2.20 -21.19 2.92
C ILE B 245 -3.07 -22.40 3.16
N LEU B 246 -3.75 -22.87 2.12
CA LEU B 246 -4.71 -23.97 2.31
C LEU B 246 -4.04 -25.37 2.47
N GLU B 247 -2.91 -25.61 1.81
CA GLU B 247 -1.99 -26.74 2.15
C GLU B 247 -1.31 -26.64 3.52
N ALA B 248 -0.99 -25.41 3.92
CA ALA B 248 -0.15 -25.17 5.08
C ALA B 248 1.13 -26.02 4.99
N GLU B 249 1.72 -26.08 3.80
CA GLU B 249 3.09 -26.52 3.64
C GLU B 249 4.05 -25.52 4.32
N LEU B 250 4.60 -25.92 5.47
CA LEU B 250 5.56 -25.11 6.23
C LEU B 250 6.96 -25.62 5.94
N HIS B 251 7.83 -24.71 5.51
CA HIS B 251 9.20 -25.07 5.21
C HIS B 251 10.05 -24.16 6.05
N PHE B 252 10.52 -24.69 7.18
CA PHE B 252 11.20 -23.89 8.18
C PHE B 252 12.65 -23.72 7.83
N PRO B 253 13.13 -22.47 7.78
CA PRO B 253 14.57 -22.28 7.57
C PRO B 253 15.38 -22.96 8.65
N ALA B 254 16.63 -23.22 8.35
CA ALA B 254 17.49 -23.99 9.25
C ALA B 254 17.46 -23.51 10.72
N HIS B 255 17.59 -22.21 10.96
CA HIS B 255 17.78 -21.73 12.35
C HIS B 255 16.55 -21.77 13.30
N VAL B 256 15.40 -22.21 12.83
CA VAL B 256 14.28 -22.23 13.74
C VAL B 256 14.42 -23.48 14.62
N SER B 257 14.33 -23.34 15.93
CA SER B 257 14.48 -24.48 16.82
C SER B 257 13.25 -25.37 16.74
N PRO B 258 13.38 -26.63 17.18
CA PRO B 258 12.28 -27.59 17.24
C PRO B 258 11.13 -27.17 18.10
N ASP B 259 11.41 -26.57 19.25
CA ASP B 259 10.35 -26.04 20.11
C ASP B 259 9.59 -24.89 19.42
N CYS B 260 10.32 -24.07 18.66
CA CYS B 260 9.73 -22.95 17.96
C CYS B 260 8.86 -23.43 16.81
N CYS B 261 9.38 -24.30 15.99
CA CYS B 261 8.63 -24.97 14.95
C CYS B 261 7.36 -25.66 15.47
N ALA B 262 7.44 -26.32 16.63
CA ALA B 262 6.34 -27.07 17.19
C ALA B 262 5.25 -26.11 17.52
N LEU B 263 5.55 -25.04 18.26
CA LEU B 263 4.56 -24.03 18.55
C LEU B 263 3.93 -23.37 17.28
N ILE B 264 4.76 -23.12 16.26
CA ILE B 264 4.28 -22.45 15.06
C ILE B 264 3.34 -23.41 14.33
N ARG B 265 3.73 -24.69 14.20
CA ARG B 265 2.88 -25.70 13.55
C ARG B 265 1.53 -25.83 14.22
N ARG B 266 1.50 -25.66 15.54
CA ARG B 266 0.26 -25.79 16.29
C ARG B 266 -0.63 -24.62 16.04
N CYS B 267 -0.08 -23.42 16.05
CA CYS B 267 -0.85 -22.22 15.67
C CYS B 267 -1.35 -22.28 14.21
N LEU B 268 -0.58 -22.90 13.30
CA LEU B 268 -0.97 -22.98 11.90
C LEU B 268 -1.58 -24.32 11.54
N ALA B 269 -2.29 -24.93 12.49
CA ALA B 269 -2.95 -26.20 12.19
C ALA B 269 -4.10 -25.88 11.25
N PRO B 270 -4.23 -26.60 10.12
CA PRO B 270 -5.34 -26.37 9.18
C PRO B 270 -6.72 -26.47 9.83
N LYS B 271 -6.89 -27.45 10.69
CA LYS B 271 -8.15 -27.62 11.39
C LYS B 271 -8.21 -26.56 12.51
N PRO B 272 -9.19 -25.67 12.46
CA PRO B 272 -9.38 -24.63 13.49
C PRO B 272 -9.57 -25.10 14.93
N SER B 273 -10.26 -26.23 15.12
CA SER B 273 -10.58 -26.72 16.47
C SER B 273 -9.34 -27.26 17.14
N SER B 274 -8.35 -27.58 16.31
CA SER B 274 -7.12 -28.16 16.75
C SER B 274 -6.08 -27.09 17.19
N ARG B 275 -6.44 -25.80 17.16
CA ARG B 275 -5.51 -24.72 17.52
C ARG B 275 -5.55 -24.49 19.01
N PRO B 276 -4.38 -24.21 19.60
CA PRO B 276 -4.38 -23.89 21.00
C PRO B 276 -5.16 -22.61 21.24
N SER B 277 -5.77 -22.51 22.40
CA SER B 277 -6.16 -21.22 22.91
C SER B 277 -4.90 -20.41 23.22
N LEU B 278 -5.14 -19.15 23.58
CA LEU B 278 -4.09 -18.22 23.95
C LEU B 278 -3.41 -18.68 25.21
N GLU B 279 -4.22 -19.07 26.18
CA GLU B 279 -3.74 -19.67 27.41
C GLU B 279 -2.73 -20.79 27.10
N GLU B 280 -3.10 -21.70 26.19
CA GLU B 280 -2.22 -22.83 25.86
C GLU B 280 -0.97 -22.42 25.09
N ILE B 281 -1.01 -21.31 24.37
CA ILE B 281 0.20 -20.80 23.75
C ILE B 281 1.20 -20.35 24.81
N LEU B 282 0.70 -19.63 25.81
CA LEU B 282 1.57 -19.13 26.88
C LEU B 282 2.15 -20.28 27.75
N LEU B 283 1.58 -21.49 27.68
CA LEU B 283 2.18 -22.66 28.30
C LEU B 283 3.06 -23.51 27.41
N ASP B 284 3.25 -23.14 26.14
CA ASP B 284 4.10 -23.97 25.28
C ASP B 284 5.50 -23.97 25.92
N PRO B 285 6.19 -25.12 25.85
CA PRO B 285 7.54 -25.13 26.37
C PRO B 285 8.42 -24.03 25.79
N TRP B 286 8.17 -23.63 24.54
CA TRP B 286 9.01 -22.65 23.91
C TRP B 286 9.01 -21.33 24.64
N MET B 287 7.91 -20.97 25.27
CA MET B 287 7.75 -19.62 25.84
C MET B 287 8.39 -19.39 27.22
N GLN B 288 8.75 -20.50 27.86
CA GLN B 288 9.45 -20.48 29.14
C GLN B 288 10.84 -19.90 28.97
#